data_7UXK
#
_entry.id   7UXK
#
_cell.length_a   65.804
_cell.length_b   65.804
_cell.length_c   143.686
_cell.angle_alpha   90.000
_cell.angle_beta   90.000
_cell.angle_gamma   90.000
#
_symmetry.space_group_name_H-M   'P 41 21 2'
#
loop_
_entity.id
_entity.type
_entity.pdbx_description
1 polymer 'Cyclin-dependent kinase 2'
2 polymer FP24322
3 non-polymer 1,2-ETHANEDIOL
4 non-polymer "N,N'-(1,4-phenylene)diacetamide"
#
loop_
_entity_poly.entity_id
_entity_poly.type
_entity_poly.pdbx_seq_one_letter_code
_entity_poly.pdbx_strand_id
1 'polypeptide(L)'
;GMENFQKVEKIGEGTYGVVYKARNKLTGEVVALKKIRLDTETEGVPSTAIREISLLKELNHPNIVKLLDVIHTENKLYLV
FEFLHQDLKKFMDASALTGIPLPLIKSYLFQLLQGLAFCHSHRVLHRDLKPQNLLINTEGAIKLADFGLARAFGVPVRTY
THEVVTLWYRAPEILLGCKYYSTAVDIWSLGCIFAEMVTRRALFPGDSEIDQLFRIFRTLGTPDEVVWPGVTSMPDYKPS
FPKWARQDFSKVVPPLDEDGRSLLSQMLHYDPNKRISAKAALAHPFFQDVTKPVPHLRL
;
A
2 'polypeptide(L)' (ACE)FECLDAFFSC B
#
# COMPACT_ATOMS: atom_id res chain seq x y z
N LYS A 10 -13.74 18.85 -1.29
CA LYS A 10 -12.45 19.03 -1.95
C LYS A 10 -12.08 17.83 -2.81
N ILE A 11 -10.78 17.71 -3.05
CA ILE A 11 -10.22 16.61 -3.82
C ILE A 11 -10.06 15.40 -2.91
N GLY A 12 -10.55 14.24 -3.38
CA GLY A 12 -10.41 13.02 -2.61
C GLY A 12 -11.52 12.02 -2.80
N GLU A 13 -11.15 10.73 -2.95
CA GLU A 13 -11.99 9.69 -3.54
C GLU A 13 -11.38 8.32 -3.26
N GLY A 14 -11.26 7.98 -1.97
CA GLY A 14 -10.35 6.94 -1.57
C GLY A 14 -10.98 5.63 -1.15
N THR A 15 -11.06 4.70 -2.09
CA THR A 15 -11.29 3.28 -1.85
C THR A 15 -12.70 3.00 -1.35
N TYR A 16 -13.17 3.74 -0.33
CA TYR A 16 -14.47 3.50 0.29
C TYR A 16 -15.34 4.73 0.40
N GLY A 17 -14.79 5.94 0.39
CA GLY A 17 -15.60 7.13 0.50
C GLY A 17 -14.95 8.32 -0.16
N VAL A 18 -15.36 9.53 0.22
CA VAL A 18 -14.80 10.76 -0.34
C VAL A 18 -14.10 11.53 0.77
N VAL A 19 -12.88 11.98 0.50
CA VAL A 19 -12.07 12.71 1.46
C VAL A 19 -12.01 14.17 1.05
N TYR A 20 -12.06 15.04 2.03
CA TYR A 20 -11.92 16.48 1.85
C TYR A 20 -11.70 17.24 3.14
N LYS A 21 -12.11 18.51 3.13
CA LYS A 21 -11.91 19.40 4.27
C LYS A 21 -12.94 20.52 4.16
N ALA A 22 -14.14 20.26 4.68
CA ALA A 22 -15.19 21.27 4.69
C ALA A 22 -15.09 22.18 5.92
N ARG A 23 -14.96 21.58 7.10
CA ARG A 23 -14.80 22.34 8.34
C ARG A 23 -13.32 22.50 8.67
N ASN A 24 -13.00 22.69 9.95
CA ASN A 24 -11.60 22.76 10.37
C ASN A 24 -11.46 22.69 11.89
N LYS A 25 -12.29 23.46 12.61
CA LYS A 25 -12.21 23.62 14.07
C LYS A 25 -10.94 24.40 14.45
N LEU A 26 -10.99 25.09 15.58
CA LEU A 26 -9.95 26.02 16.00
C LEU A 26 -8.61 25.30 16.19
N THR A 27 -7.54 26.11 16.29
CA THR A 27 -6.12 25.78 16.52
C THR A 27 -5.36 25.28 15.30
N GLY A 28 -5.82 25.65 14.11
CA GLY A 28 -5.21 25.24 12.87
C GLY A 28 -5.13 23.73 12.86
N GLU A 29 -6.28 23.10 13.09
CA GLU A 29 -6.37 21.66 13.16
C GLU A 29 -5.77 20.97 11.96
N VAL A 30 -6.24 21.40 10.77
CA VAL A 30 -6.02 20.97 9.38
C VAL A 30 -5.93 19.45 9.25
N VAL A 31 -7.05 18.82 8.91
CA VAL A 31 -7.19 17.38 8.85
C VAL A 31 -7.77 16.98 7.48
N ALA A 32 -7.87 15.67 7.29
CA ALA A 32 -8.59 15.09 6.16
C ALA A 32 -9.81 14.39 6.74
N LEU A 33 -10.97 14.66 6.16
CA LEU A 33 -12.22 14.14 6.71
C LEU A 33 -12.91 13.33 5.64
N LYS A 34 -13.23 12.11 5.97
CA LYS A 34 -13.79 11.22 5.00
C LYS A 34 -15.14 10.64 5.33
N LYS A 35 -16.00 10.77 4.36
CA LYS A 35 -17.38 10.34 4.41
C LYS A 35 -17.49 9.00 3.68
N ILE A 36 -18.21 8.07 4.29
CA ILE A 36 -18.45 6.77 3.67
C ILE A 36 -19.92 6.41 3.79
N ILE A 50 -17.18 -4.50 14.38
CA ILE A 50 -18.30 -3.57 14.35
C ILE A 50 -17.61 -2.22 14.34
N ARG A 51 -17.79 -1.39 15.36
CA ARG A 51 -17.11 -0.11 15.43
C ARG A 51 -15.67 -0.21 15.97
N GLU A 52 -15.09 -1.41 15.91
CA GLU A 52 -13.74 -1.67 16.37
C GLU A 52 -12.71 -0.86 15.58
N ILE A 53 -13.15 -0.11 14.57
CA ILE A 53 -12.32 0.94 13.97
C ILE A 53 -12.14 2.13 14.90
N SER A 54 -12.99 2.28 15.93
CA SER A 54 -12.70 3.24 16.98
C SER A 54 -11.46 2.86 17.77
N LEU A 55 -11.09 1.58 17.79
CA LEU A 55 -9.87 1.22 18.50
C LEU A 55 -8.64 1.39 17.62
N LEU A 56 -8.83 1.74 16.34
CA LEU A 56 -7.69 2.12 15.52
C LEU A 56 -7.13 3.48 15.93
N LYS A 57 -7.91 4.26 16.68
CA LYS A 57 -7.42 5.53 17.20
C LYS A 57 -6.30 5.34 18.21
N GLU A 58 -6.23 4.17 18.86
CA GLU A 58 -5.21 3.89 19.85
C GLU A 58 -3.89 3.44 19.23
N LEU A 59 -3.83 3.29 17.91
CA LEU A 59 -2.63 2.84 17.23
C LEU A 59 -1.77 4.03 16.85
N ASN A 60 -0.47 3.94 17.12
CA ASN A 60 0.48 5.00 16.80
C ASN A 60 1.74 4.37 16.21
N HIS A 61 2.08 4.78 14.99
CA HIS A 61 3.27 4.31 14.30
C HIS A 61 3.65 5.37 13.28
N PRO A 62 4.93 5.66 13.08
CA PRO A 62 5.31 6.73 12.14
C PRO A 62 4.92 6.44 10.70
N ASN A 63 4.72 5.17 10.34
CA ASN A 63 4.35 4.78 8.99
C ASN A 63 2.87 4.46 8.85
N ILE A 64 2.04 4.96 9.77
CA ILE A 64 0.59 4.79 9.72
C ILE A 64 -0.05 6.16 9.83
N VAL A 65 -0.97 6.47 8.91
CA VAL A 65 -1.75 7.70 9.02
C VAL A 65 -2.63 7.59 10.26
N LYS A 66 -2.39 8.46 11.24
CA LYS A 66 -3.10 8.37 12.51
C LYS A 66 -4.56 8.78 12.34
N LEU A 67 -5.46 7.94 12.86
CA LEU A 67 -6.89 8.25 12.90
C LEU A 67 -7.14 9.12 14.12
N LEU A 68 -7.59 10.35 13.89
CA LEU A 68 -7.69 11.26 15.03
C LEU A 68 -8.99 11.04 15.78
N ASP A 69 -10.08 10.84 15.06
CA ASP A 69 -11.39 10.68 15.67
C ASP A 69 -12.33 10.05 14.65
N VAL A 70 -13.45 9.55 15.17
CA VAL A 70 -14.44 8.82 14.40
C VAL A 70 -15.80 9.03 15.05
N ILE A 71 -16.80 9.36 14.24
CA ILE A 71 -18.15 9.60 14.76
C ILE A 71 -19.22 9.05 13.82
N HIS A 72 -20.10 8.24 14.36
CA HIS A 72 -21.19 7.65 13.57
C HIS A 72 -22.46 8.47 13.70
N THR A 73 -23.12 8.73 12.58
CA THR A 73 -24.35 9.50 12.56
C THR A 73 -25.33 8.97 11.54
N LEU A 77 -20.49 7.22 8.38
CA LEU A 77 -19.77 7.82 9.50
C LEU A 77 -18.55 8.65 9.07
N TYR A 78 -18.16 9.56 9.96
CA TYR A 78 -17.04 10.45 9.73
C TYR A 78 -15.76 9.84 10.28
N LEU A 79 -14.75 9.70 9.42
CA LEU A 79 -13.38 9.46 9.86
C LEU A 79 -12.61 10.76 9.73
N VAL A 80 -11.71 11.04 10.67
CA VAL A 80 -10.81 12.19 10.54
C VAL A 80 -9.37 11.71 10.65
N PHE A 81 -8.67 11.74 9.53
CA PHE A 81 -7.30 11.31 9.38
C PHE A 81 -6.35 12.50 9.39
N GLU A 82 -5.09 12.21 9.67
CA GLU A 82 -4.04 13.20 9.51
C GLU A 82 -3.92 13.58 8.04
N PHE A 83 -3.97 14.87 7.76
CA PHE A 83 -4.00 15.33 6.38
C PHE A 83 -2.62 15.22 5.73
N LEU A 84 -2.51 14.35 4.72
CA LEU A 84 -1.33 14.38 3.85
C LEU A 84 -1.83 14.36 2.42
N HIS A 85 -1.54 15.41 1.67
CA HIS A 85 -1.78 15.30 0.24
C HIS A 85 -0.61 14.57 -0.40
N GLN A 86 -0.86 14.08 -1.61
CA GLN A 86 0.09 13.40 -2.46
C GLN A 86 0.35 12.01 -1.93
N ASP A 87 0.20 11.03 -2.83
CA ASP A 87 0.20 9.62 -2.51
C ASP A 87 1.19 8.93 -3.42
N LEU A 88 1.52 7.66 -3.13
CA LEU A 88 2.58 7.01 -3.90
C LEU A 88 2.22 6.91 -5.38
N LYS A 89 0.93 6.87 -5.71
CA LYS A 89 0.51 6.75 -7.09
C LYS A 89 0.86 8.02 -7.87
N LYS A 90 0.52 9.19 -7.33
CA LYS A 90 0.85 10.44 -8.01
C LYS A 90 2.35 10.64 -8.13
N PHE A 91 3.10 10.19 -7.13
CA PHE A 91 4.56 10.30 -7.19
C PHE A 91 5.13 9.40 -8.28
N MET A 92 4.68 8.15 -8.34
CA MET A 92 5.15 7.25 -9.40
C MET A 92 4.72 7.74 -10.77
N ASP A 93 3.56 8.39 -10.86
CA ASP A 93 3.12 8.98 -12.13
C ASP A 93 4.05 10.11 -12.54
N ALA A 94 4.37 11.01 -11.61
CA ALA A 94 5.31 12.08 -11.91
C ALA A 94 6.71 11.53 -12.16
N SER A 95 7.08 10.44 -11.49
CA SER A 95 8.38 9.81 -11.67
C SER A 95 8.37 8.75 -12.76
N ALA A 96 7.43 8.82 -13.70
CA ALA A 96 7.29 7.78 -14.71
C ALA A 96 8.52 7.70 -15.61
N LEU A 97 8.95 8.83 -16.14
CA LEU A 97 10.06 8.85 -17.08
C LEU A 97 11.41 9.02 -16.41
N THR A 98 11.45 9.76 -15.29
CA THR A 98 12.67 9.96 -14.54
C THR A 98 13.01 8.80 -13.60
N GLY A 99 12.05 7.93 -13.28
CA GLY A 99 12.28 6.84 -12.36
C GLY A 99 12.45 7.34 -10.93
N ILE A 100 12.66 6.40 -10.04
CA ILE A 100 12.79 6.67 -8.60
C ILE A 100 14.14 6.12 -8.15
N PRO A 101 14.92 6.90 -7.39
CA PRO A 101 16.22 6.39 -6.92
C PRO A 101 16.06 5.13 -6.09
N LEU A 102 16.98 4.19 -6.30
CA LEU A 102 16.94 2.93 -5.56
C LEU A 102 17.00 3.11 -4.05
N PRO A 103 17.81 4.02 -3.49
CA PRO A 103 17.73 4.23 -2.04
C PRO A 103 16.35 4.69 -1.58
N LEU A 104 15.67 5.52 -2.37
CA LEU A 104 14.32 5.94 -1.99
C LEU A 104 13.34 4.79 -2.08
N ILE A 105 13.48 3.93 -3.09
CA ILE A 105 12.63 2.74 -3.20
C ILE A 105 12.84 1.84 -1.99
N LYS A 106 14.10 1.62 -1.63
CA LYS A 106 14.40 0.78 -0.46
C LYS A 106 13.84 1.39 0.81
N SER A 107 13.94 2.72 0.95
CA SER A 107 13.43 3.38 2.14
C SER A 107 11.91 3.27 2.23
N TYR A 108 11.21 3.52 1.12
CA TYR A 108 9.76 3.35 1.11
C TYR A 108 9.35 1.91 1.41
N LEU A 109 10.01 0.93 0.79
CA LEU A 109 9.64 -0.46 1.05
C LEU A 109 9.90 -0.82 2.51
N PHE A 110 11.01 -0.33 3.06
CA PHE A 110 11.34 -0.58 4.47
C PHE A 110 10.30 0.02 5.39
N GLN A 111 9.88 1.26 5.12
CA GLN A 111 8.89 1.92 5.97
C GLN A 111 7.53 1.24 5.86
N LEU A 112 7.15 0.84 4.64
CA LEU A 112 5.87 0.16 4.47
C LEU A 112 5.89 -1.21 5.15
N LEU A 113 7.04 -1.88 5.14
CA LEU A 113 7.15 -3.15 5.86
C LEU A 113 7.09 -2.93 7.37
N GLN A 114 7.68 -1.83 7.86
CA GLN A 114 7.54 -1.49 9.27
C GLN A 114 6.08 -1.29 9.64
N GLY A 115 5.36 -0.50 8.84
CA GLY A 115 3.94 -0.28 9.11
C GLY A 115 3.12 -1.55 9.03
N LEU A 116 3.43 -2.42 8.07
CA LEU A 116 2.68 -3.67 7.93
C LEU A 116 2.96 -4.61 9.09
N ALA A 117 4.22 -4.67 9.55
CA ALA A 117 4.53 -5.49 10.71
C ALA A 117 3.80 -4.97 11.95
N PHE A 118 3.77 -3.64 12.13
CA PHE A 118 3.05 -3.07 13.26
C PHE A 118 1.57 -3.41 13.20
N CYS A 119 0.97 -3.27 12.02
CA CYS A 119 -0.46 -3.51 11.87
C CYS A 119 -0.80 -5.00 12.04
N HIS A 120 0.06 -5.88 11.53
CA HIS A 120 -0.21 -7.31 11.62
C HIS A 120 0.05 -7.85 13.01
N SER A 121 0.97 -7.25 13.76
CA SER A 121 1.13 -7.63 15.16
C SER A 121 -0.10 -7.27 15.98
N HIS A 122 -0.87 -6.27 15.55
CA HIS A 122 -2.12 -5.90 16.19
C HIS A 122 -3.33 -6.54 15.54
N ARG A 123 -3.13 -7.54 14.67
CA ARG A 123 -4.21 -8.27 14.02
C ARG A 123 -5.07 -7.34 13.16
N VAL A 124 -4.42 -6.42 12.47
CA VAL A 124 -5.10 -5.42 11.65
C VAL A 124 -4.67 -5.61 10.20
N LEU A 125 -5.65 -5.85 9.33
CA LEU A 125 -5.44 -5.98 7.89
C LEU A 125 -5.93 -4.75 7.14
N HIS A 126 -5.30 -4.49 6.01
CA HIS A 126 -5.81 -3.54 5.01
C HIS A 126 -6.62 -4.25 3.94
N ARG A 127 -6.09 -5.35 3.41
CA ARG A 127 -6.80 -6.27 2.53
C ARG A 127 -7.05 -5.67 1.15
N ASP A 128 -6.66 -4.41 0.93
CA ASP A 128 -6.87 -3.75 -0.35
C ASP A 128 -5.85 -2.63 -0.54
N LEU A 129 -4.58 -2.90 -0.22
CA LEU A 129 -3.57 -1.89 -0.51
C LEU A 129 -3.42 -1.65 -2.01
N LYS A 130 -3.09 -0.41 -2.30
CA LYS A 130 -2.76 0.08 -3.62
C LYS A 130 -2.11 1.44 -3.43
N PRO A 131 -1.35 1.92 -4.43
CA PRO A 131 -0.62 3.17 -4.22
C PRO A 131 -1.47 4.38 -3.86
N GLN A 132 -2.80 4.34 -3.98
CA GLN A 132 -3.49 5.60 -3.73
C GLN A 132 -3.63 5.85 -2.23
N ASN A 133 -3.53 4.81 -1.40
CA ASN A 133 -3.60 4.96 0.06
C ASN A 133 -2.23 4.82 0.72
N LEU A 134 -1.17 5.21 0.03
CA LEU A 134 0.19 5.26 0.59
C LEU A 134 0.62 6.73 0.55
N LEU A 135 0.39 7.44 1.63
CA LEU A 135 0.60 8.89 1.64
C LEU A 135 2.05 9.22 1.93
N ILE A 136 2.54 10.29 1.30
CA ILE A 136 3.93 10.70 1.44
C ILE A 136 3.97 12.18 1.82
N ASN A 137 5.03 12.56 2.54
CA ASN A 137 5.26 13.95 2.94
C ASN A 137 6.62 14.40 2.41
N THR A 138 6.92 15.68 2.65
CA THR A 138 8.19 16.24 2.21
C THR A 138 9.38 15.71 3.00
N GLU A 139 9.14 15.22 4.23
CA GLU A 139 10.22 14.65 5.03
C GLU A 139 10.77 13.36 4.44
N GLY A 140 10.03 12.70 3.56
CA GLY A 140 10.43 11.42 3.03
C GLY A 140 9.74 10.23 3.65
N ALA A 141 8.81 10.46 4.57
CA ALA A 141 8.09 9.36 5.20
C ALA A 141 6.92 8.91 4.32
N ILE A 142 6.56 7.64 4.46
CA ILE A 142 5.43 7.06 3.74
C ILE A 142 4.56 6.32 4.76
N LYS A 143 3.25 6.57 4.71
CA LYS A 143 2.32 6.10 5.72
C LYS A 143 1.17 5.35 5.08
N LEU A 144 0.73 4.28 5.75
CA LEU A 144 -0.40 3.49 5.29
C LEU A 144 -1.70 4.15 5.72
N ALA A 145 -2.62 4.33 4.77
CA ALA A 145 -3.90 4.97 5.01
C ALA A 145 -5.04 4.00 4.70
N ASP A 146 -6.24 4.38 5.12
CA ASP A 146 -7.45 3.59 4.93
C ASP A 146 -7.28 2.18 5.48
N PHE A 147 -6.63 2.05 6.62
CA PHE A 147 -6.14 0.76 7.04
C PHE A 147 -7.16 0.21 8.05
N GLY A 148 -7.29 -1.11 8.10
CA GLY A 148 -8.12 -1.71 9.12
C GLY A 148 -9.61 -1.49 8.98
N LEU A 149 -10.06 -0.82 7.93
CA LEU A 149 -11.48 -0.63 7.68
C LEU A 149 -12.02 -1.50 6.55
N ALA A 150 -11.36 -2.63 6.28
CA ALA A 150 -11.89 -3.58 5.30
C ALA A 150 -13.18 -4.27 5.76
N ARG A 151 -13.93 -3.70 6.70
CA ARG A 151 -15.22 -4.25 7.09
C ARG A 151 -16.37 -3.31 6.80
N ALA A 152 -16.12 -2.00 6.75
CA ALA A 152 -17.11 -1.04 6.28
C ALA A 152 -17.28 -1.25 4.78
N PHE A 153 -18.30 -2.04 4.40
CA PHE A 153 -18.45 -2.53 3.02
C PHE A 153 -17.21 -3.27 2.53
N GLY A 154 -16.67 -4.15 3.37
CA GLY A 154 -15.70 -5.16 2.96
C GLY A 154 -14.57 -4.69 2.07
N VAL A 155 -14.35 -5.38 0.96
CA VAL A 155 -13.36 -4.95 -0.02
C VAL A 155 -14.12 -4.64 -1.30
N PRO A 156 -13.75 -3.61 -2.06
CA PRO A 156 -14.51 -3.26 -3.25
C PRO A 156 -14.47 -4.37 -4.29
N VAL A 157 -15.58 -4.53 -5.00
CA VAL A 157 -15.70 -5.45 -6.12
C VAL A 157 -16.58 -4.82 -7.18
N ARG A 158 -16.31 -5.14 -8.44
CA ARG A 158 -17.02 -4.58 -9.58
C ARG A 158 -18.29 -5.40 -9.82
N THR A 159 -19.42 -4.86 -9.39
CA THR A 159 -20.70 -5.52 -9.62
C THR A 159 -21.46 -4.90 -10.77
N TYR A 160 -21.21 -3.62 -11.05
CA TYR A 160 -21.83 -2.87 -12.13
C TYR A 160 -20.78 -2.47 -13.15
N THR A 161 -21.25 -2.18 -14.37
CA THR A 161 -20.35 -1.75 -15.43
C THR A 161 -19.81 -0.34 -15.23
N HIS A 162 -20.45 0.49 -14.40
CA HIS A 162 -19.92 1.83 -14.17
C HIS A 162 -18.78 1.83 -13.17
N GLU A 163 -18.72 0.83 -12.29
CA GLU A 163 -17.66 0.75 -11.29
C GLU A 163 -16.33 0.37 -11.94
N VAL A 164 -15.24 0.86 -11.34
CA VAL A 164 -13.89 0.60 -11.86
C VAL A 164 -13.22 -0.53 -11.10
N VAL A 165 -12.83 -0.27 -9.86
CA VAL A 165 -12.18 -1.27 -9.01
C VAL A 165 -10.91 -1.82 -9.64
N THR A 166 -9.77 -1.32 -9.16
CA THR A 166 -8.47 -1.85 -9.54
C THR A 166 -8.17 -3.17 -8.83
N LEU A 167 -7.88 -4.21 -9.63
CA LEU A 167 -7.53 -5.55 -9.16
C LEU A 167 -6.04 -5.84 -9.27
N TRP A 168 -5.25 -4.85 -9.71
CA TRP A 168 -3.84 -5.06 -10.03
C TRP A 168 -3.01 -5.46 -8.81
N TYR A 169 -3.51 -5.25 -7.60
CA TYR A 169 -2.72 -5.45 -6.39
C TYR A 169 -3.34 -6.47 -5.44
N ARG A 170 -4.41 -7.15 -5.85
CA ARG A 170 -5.07 -8.10 -4.98
C ARG A 170 -4.39 -9.46 -5.04
N ALA A 171 -4.35 -10.12 -3.89
CA ALA A 171 -3.74 -11.44 -3.81
C ALA A 171 -4.62 -12.47 -4.53
N PRO A 172 -4.00 -13.53 -5.07
CA PRO A 172 -4.81 -14.53 -5.81
C PRO A 172 -5.89 -15.18 -4.97
N GLU A 173 -5.71 -15.28 -3.66
CA GLU A 173 -6.74 -15.92 -2.82
C GLU A 173 -8.01 -15.07 -2.77
N ILE A 174 -7.89 -13.75 -2.67
CA ILE A 174 -9.07 -12.89 -2.76
C ILE A 174 -9.60 -12.85 -4.19
N LEU A 175 -8.71 -12.89 -5.18
CA LEU A 175 -9.18 -12.85 -6.57
C LEU A 175 -10.08 -14.04 -6.88
N LEU A 176 -9.67 -15.25 -6.47
CA LEU A 176 -10.50 -16.42 -6.67
C LEU A 176 -11.83 -16.29 -5.94
N GLY A 177 -11.74 -15.97 -4.68
CA GLY A 177 -12.90 -15.84 -3.85
C GLY A 177 -12.75 -16.64 -2.58
N CYS A 178 -11.55 -17.11 -2.27
CA CYS A 178 -11.24 -17.85 -1.04
C CYS A 178 -11.68 -16.97 0.07
N LYS A 179 -12.50 -17.42 0.96
CA LYS A 179 -13.01 -16.58 2.01
C LYS A 179 -12.10 -16.24 3.13
N TYR A 180 -11.01 -16.95 3.25
CA TYR A 180 -10.16 -16.70 4.34
C TYR A 180 -8.97 -15.87 3.99
N TYR A 181 -9.00 -14.63 4.45
CA TYR A 181 -7.96 -13.68 4.20
C TYR A 181 -7.01 -13.61 5.38
N SER A 182 -5.76 -13.36 5.12
CA SER A 182 -4.80 -13.24 6.18
C SER A 182 -3.88 -12.10 5.94
N THR A 183 -2.86 -12.01 6.75
CA THR A 183 -1.91 -10.93 6.52
C THR A 183 -1.20 -11.09 5.19
N ALA A 184 -1.09 -12.33 4.70
CA ALA A 184 -0.35 -12.61 3.48
C ALA A 184 -0.89 -11.86 2.26
N VAL A 185 -2.14 -11.39 2.31
CA VAL A 185 -2.64 -10.59 1.19
C VAL A 185 -1.89 -9.26 1.11
N ASP A 186 -1.72 -8.58 2.24
CA ASP A 186 -1.09 -7.27 2.23
C ASP A 186 0.31 -7.35 1.65
N ILE A 187 1.11 -8.31 2.14
CA ILE A 187 2.44 -8.55 1.58
C ILE A 187 2.36 -8.62 0.06
N TRP A 188 1.43 -9.42 -0.45
CA TRP A 188 1.29 -9.57 -1.90
C TRP A 188 1.13 -8.20 -2.56
N SER A 189 0.21 -7.38 -2.05
CA SER A 189 0.04 -6.03 -2.57
C SER A 189 1.36 -5.28 -2.51
N LEU A 190 2.00 -5.28 -1.33
CA LEU A 190 3.27 -4.58 -1.18
C LEU A 190 4.33 -5.14 -2.12
N GLY A 191 4.18 -6.40 -2.53
CA GLY A 191 5.07 -6.93 -3.56
C GLY A 191 4.85 -6.24 -4.90
N CYS A 192 3.59 -6.22 -5.37
CA CYS A 192 3.29 -5.63 -6.67
C CYS A 192 3.78 -4.18 -6.72
N ILE A 193 3.31 -3.36 -5.78
CA ILE A 193 3.77 -1.98 -5.66
C ILE A 193 5.29 -1.91 -5.73
N PHE A 194 5.97 -2.81 -5.01
CA PHE A 194 7.43 -2.87 -5.05
C PHE A 194 7.92 -2.90 -6.49
N ALA A 195 7.52 -3.92 -7.25
CA ALA A 195 7.90 -4.02 -8.64
C ALA A 195 7.54 -2.74 -9.39
N GLU A 196 6.37 -2.17 -9.09
CA GLU A 196 5.95 -0.95 -9.77
C GLU A 196 6.96 0.17 -9.53
N MET A 197 7.37 0.37 -8.27
CA MET A 197 8.33 1.44 -7.98
C MET A 197 9.63 1.25 -8.75
N VAL A 198 9.96 0.02 -9.13
CA VAL A 198 11.18 -0.21 -9.89
C VAL A 198 10.96 -0.01 -11.37
N THR A 199 9.73 -0.20 -11.85
CA THR A 199 9.43 -0.05 -13.25
C THR A 199 8.43 1.04 -13.55
N ARG A 200 7.72 1.58 -12.55
CA ARG A 200 6.56 2.46 -12.78
C ARG A 200 5.73 2.01 -13.97
N ARG A 201 5.73 0.70 -14.17
CA ARG A 201 4.74 -0.06 -14.88
C ARG A 201 4.15 -1.13 -13.97
N ALA A 202 2.83 -1.27 -14.03
CA ALA A 202 2.15 -2.20 -13.14
C ALA A 202 2.53 -3.64 -13.46
N LEU A 203 2.68 -4.44 -12.39
CA LEU A 203 3.16 -5.81 -12.54
C LEU A 203 2.10 -6.71 -13.16
N PHE A 204 0.87 -6.66 -12.65
CA PHE A 204 -0.24 -7.49 -13.11
C PHE A 204 -1.41 -6.60 -13.47
N PRO A 205 -1.35 -5.91 -14.60
CA PRO A 205 -2.41 -4.98 -15.02
C PRO A 205 -3.58 -5.70 -15.66
N GLY A 206 -4.37 -6.37 -14.82
CA GLY A 206 -5.51 -7.11 -15.28
C GLY A 206 -6.77 -6.26 -15.29
N ASP A 207 -7.70 -6.66 -16.16
CA ASP A 207 -8.96 -5.96 -16.36
C ASP A 207 -10.16 -6.84 -16.06
N SER A 208 -9.95 -7.95 -15.35
CA SER A 208 -11.00 -8.80 -14.78
C SER A 208 -10.32 -9.73 -13.79
N GLU A 209 -11.14 -10.41 -12.98
CA GLU A 209 -10.61 -11.39 -12.04
C GLU A 209 -9.88 -12.51 -12.78
N ILE A 210 -10.53 -13.10 -13.78
CA ILE A 210 -9.94 -14.23 -14.49
C ILE A 210 -8.67 -13.79 -15.22
N ASP A 211 -8.68 -12.61 -15.83
CA ASP A 211 -7.48 -12.11 -16.49
C ASP A 211 -6.38 -11.81 -15.49
N GLN A 212 -6.75 -11.36 -14.29
CA GLN A 212 -5.76 -11.11 -13.25
C GLN A 212 -5.08 -12.42 -12.85
N LEU A 213 -5.87 -13.48 -12.60
CA LEU A 213 -5.26 -14.76 -12.24
C LEU A 213 -4.39 -15.28 -13.39
N PHE A 214 -4.86 -15.12 -14.63
CA PHE A 214 -4.10 -15.60 -15.77
C PHE A 214 -2.76 -14.91 -15.87
N ARG A 215 -2.75 -13.57 -15.72
CA ARG A 215 -1.49 -12.83 -15.75
C ARG A 215 -0.56 -13.28 -14.63
N ILE A 216 -1.10 -13.39 -13.41
CA ILE A 216 -0.29 -13.76 -12.25
C ILE A 216 0.39 -15.12 -12.49
N PHE A 217 -0.40 -16.12 -12.88
CA PHE A 217 0.14 -17.46 -13.01
C PHE A 217 0.87 -17.71 -14.33
N ARG A 218 0.70 -16.82 -15.31
CA ARG A 218 1.58 -16.86 -16.48
C ARG A 218 2.95 -16.31 -16.13
N THR A 219 3.00 -15.25 -15.31
CA THR A 219 4.28 -14.72 -14.88
C THR A 219 5.00 -15.68 -13.96
N LEU A 220 4.30 -16.17 -12.92
CA LEU A 220 4.95 -17.04 -11.93
C LEU A 220 5.32 -18.40 -12.48
N GLY A 221 4.67 -18.85 -13.55
CA GLY A 221 4.96 -20.15 -14.11
C GLY A 221 5.79 -20.10 -15.39
N THR A 222 7.10 -20.13 -15.26
CA THR A 222 8.00 -20.08 -16.41
C THR A 222 8.39 -21.48 -16.86
N GLN A 247 11.33 -18.97 -12.12
CA GLN A 247 10.94 -17.57 -12.18
C GLN A 247 11.76 -16.72 -11.21
N ASP A 248 12.83 -16.12 -11.72
CA ASP A 248 13.71 -15.28 -10.92
C ASP A 248 13.39 -13.80 -11.03
N PHE A 249 12.39 -13.44 -11.85
CA PHE A 249 12.00 -12.05 -12.08
C PHE A 249 13.11 -11.25 -12.78
N SER A 250 13.77 -11.90 -13.75
CA SER A 250 14.86 -11.23 -14.46
C SER A 250 14.33 -10.27 -15.52
N LYS A 251 13.49 -10.76 -16.43
CA LYS A 251 13.01 -9.94 -17.53
C LYS A 251 11.90 -8.99 -17.10
N VAL A 252 11.17 -9.33 -16.05
CA VAL A 252 10.00 -8.56 -15.65
C VAL A 252 10.40 -7.35 -14.80
N VAL A 253 11.40 -7.50 -13.93
CA VAL A 253 11.99 -6.35 -13.25
C VAL A 253 13.49 -6.34 -13.49
N PRO A 254 13.94 -5.86 -14.65
CA PRO A 254 15.37 -5.87 -14.98
C PRO A 254 16.21 -5.06 -14.00
N PRO A 255 15.89 -3.80 -13.72
CA PRO A 255 16.84 -2.97 -12.95
C PRO A 255 17.02 -3.41 -11.51
N LEU A 256 16.25 -4.38 -11.03
CA LEU A 256 16.33 -4.83 -9.64
C LEU A 256 17.45 -5.86 -9.49
N ASP A 257 18.29 -5.67 -8.47
CA ASP A 257 19.40 -6.57 -8.24
C ASP A 257 18.89 -7.91 -7.68
N GLU A 258 19.83 -8.83 -7.42
CA GLU A 258 19.44 -10.19 -7.05
C GLU A 258 18.76 -10.22 -5.68
N ASP A 259 19.25 -9.44 -4.73
CA ASP A 259 18.58 -9.36 -3.43
C ASP A 259 17.14 -8.87 -3.59
N GLY A 260 16.96 -7.85 -4.43
CA GLY A 260 15.61 -7.34 -4.65
C GLY A 260 14.69 -8.35 -5.30
N ARG A 261 15.20 -9.10 -6.29
CA ARG A 261 14.37 -10.09 -6.96
C ARG A 261 14.02 -11.24 -6.02
N SER A 262 14.96 -11.62 -5.16
CA SER A 262 14.68 -12.63 -4.15
C SER A 262 13.58 -12.18 -3.21
N LEU A 263 13.71 -10.96 -2.67
CA LEU A 263 12.69 -10.43 -1.79
C LEU A 263 11.34 -10.34 -2.50
N LEU A 264 11.34 -9.96 -3.78
CA LEU A 264 10.10 -9.83 -4.52
C LEU A 264 9.44 -11.18 -4.74
N SER A 265 10.21 -12.18 -5.17
CA SER A 265 9.66 -13.51 -5.38
C SER A 265 9.17 -14.12 -4.08
N GLN A 266 9.81 -13.79 -2.96
CA GLN A 266 9.31 -14.27 -1.67
C GLN A 266 8.03 -13.53 -1.26
N MET A 267 7.91 -12.25 -1.61
CA MET A 267 6.69 -11.51 -1.33
C MET A 267 5.55 -11.89 -2.26
N LEU A 268 5.85 -12.50 -3.41
CA LEU A 268 4.86 -12.84 -4.41
C LEU A 268 4.72 -14.35 -4.59
N HIS A 269 4.74 -15.09 -3.48
CA HIS A 269 4.42 -16.51 -3.51
C HIS A 269 2.91 -16.67 -3.65
N TYR A 270 2.49 -17.49 -4.63
CA TYR A 270 1.07 -17.71 -4.83
C TYR A 270 0.40 -18.31 -3.60
N ASP A 271 1.11 -19.16 -2.86
CA ASP A 271 0.58 -19.75 -1.66
C ASP A 271 0.68 -18.74 -0.51
N PRO A 272 -0.44 -18.31 0.06
CA PRO A 272 -0.37 -17.34 1.17
C PRO A 272 0.31 -17.90 2.40
N ASN A 273 0.22 -19.21 2.64
CA ASN A 273 0.89 -19.80 3.80
C ASN A 273 2.40 -19.81 3.66
N LYS A 274 2.92 -19.76 2.43
CA LYS A 274 4.34 -19.73 2.19
C LYS A 274 4.85 -18.34 1.83
N ARG A 275 3.96 -17.35 1.80
CA ARG A 275 4.37 -15.98 1.53
C ARG A 275 5.13 -15.40 2.72
N ILE A 276 6.10 -14.54 2.42
CA ILE A 276 6.96 -14.00 3.47
C ILE A 276 6.18 -12.99 4.31
N SER A 277 6.56 -12.89 5.59
CA SER A 277 5.95 -11.94 6.50
C SER A 277 6.75 -10.64 6.53
N ALA A 278 6.13 -9.60 7.09
CA ALA A 278 6.83 -8.32 7.21
C ALA A 278 8.05 -8.44 8.11
N LYS A 279 7.95 -9.23 9.18
CA LYS A 279 9.11 -9.46 10.05
C LYS A 279 10.27 -10.06 9.27
N ALA A 280 10.01 -11.16 8.56
CA ALA A 280 11.08 -11.84 7.82
C ALA A 280 11.57 -10.97 6.66
N ALA A 281 10.66 -10.23 6.02
CA ALA A 281 11.08 -9.37 4.91
C ALA A 281 11.95 -8.22 5.39
N LEU A 282 11.74 -7.73 6.61
CA LEU A 282 12.58 -6.68 7.14
C LEU A 282 14.01 -7.16 7.38
N ALA A 283 14.19 -8.46 7.64
CA ALA A 283 15.51 -9.05 7.85
C ALA A 283 16.16 -9.50 6.56
N HIS A 284 15.64 -9.08 5.41
CA HIS A 284 16.20 -9.51 4.14
C HIS A 284 17.51 -8.78 3.85
N PRO A 285 18.47 -9.45 3.22
CA PRO A 285 19.71 -8.75 2.81
C PRO A 285 19.45 -7.62 1.84
N PHE A 286 18.24 -7.47 1.31
CA PHE A 286 17.99 -6.30 0.49
C PHE A 286 18.09 -5.02 1.31
N PHE A 287 17.91 -5.14 2.60
CA PHE A 287 17.87 -3.99 3.43
C PHE A 287 19.11 -3.79 4.24
N GLN A 288 20.15 -4.46 3.84
CA GLN A 288 21.45 -4.38 4.43
C GLN A 288 21.99 -2.96 4.53
N ASP A 289 21.78 -2.13 3.54
CA ASP A 289 22.25 -0.80 3.59
C ASP A 289 21.20 0.18 4.03
N VAL A 290 20.02 -0.29 4.36
CA VAL A 290 18.92 0.54 4.81
C VAL A 290 18.84 0.49 6.32
N THR A 291 19.33 -0.60 6.93
CA THR A 291 19.14 -0.73 8.36
C THR A 291 20.16 0.12 9.09
N LYS A 292 19.71 0.83 10.12
CA LYS A 292 20.56 1.70 10.90
C LYS A 292 20.19 1.55 12.37
N PRO A 293 21.17 1.56 13.27
CA PRO A 293 20.87 1.41 14.69
C PRO A 293 19.89 2.47 15.19
N VAL A 294 19.31 2.19 16.35
CA VAL A 294 18.15 2.94 16.85
C VAL A 294 18.50 4.29 17.50
N PRO A 295 19.53 4.39 18.37
CA PRO A 295 19.60 5.41 19.43
C PRO A 295 18.34 6.26 19.65
N PHE B 2 16.38 12.44 -1.75
CA PHE B 2 15.64 13.66 -1.39
C PHE B 2 15.46 14.65 -2.52
N GLU B 3 16.41 14.69 -3.46
CA GLU B 3 16.29 15.61 -4.59
C GLU B 3 15.06 15.28 -5.43
N CYS B 4 14.79 13.98 -5.62
CA CYS B 4 13.60 13.57 -6.34
C CYS B 4 12.35 14.10 -5.65
N LEU B 5 12.30 14.00 -4.32
CA LEU B 5 11.16 14.52 -3.58
C LEU B 5 11.05 16.04 -3.74
N ASP B 6 12.09 16.79 -3.34
CA ASP B 6 12.16 18.21 -3.68
C ASP B 6 11.56 18.56 -5.04
N ALA B 7 12.03 17.92 -6.11
CA ALA B 7 11.49 18.27 -7.43
C ALA B 7 10.01 17.95 -7.53
N PHE B 8 9.59 16.80 -6.99
CA PHE B 8 8.19 16.39 -7.11
C PHE B 8 7.26 17.32 -6.34
N PHE B 9 7.57 17.57 -5.06
CA PHE B 9 6.75 18.43 -4.24
C PHE B 9 6.80 19.89 -4.68
N SER B 10 7.90 20.33 -5.28
CA SER B 10 7.98 21.71 -5.75
C SER B 10 7.31 21.92 -7.10
N CYS B 11 7.02 20.84 -7.79
CA CYS B 11 6.34 20.82 -9.07
C CYS B 11 4.97 21.54 -9.05
#